data_3K8C
#
_entry.id   3K8C
#
_cell.length_a   92.387
_cell.length_b   92.387
_cell.length_c   94.007
_cell.angle_alpha   90.00
_cell.angle_beta   90.00
_cell.angle_gamma   90.00
#
_symmetry.space_group_name_H-M   'P 42 21 2'
#
loop_
_entity.id
_entity.type
_entity.pdbx_description
1 polymer 'Ribose 5-phosphate isomerase'
2 non-polymer '4-PHOSPHO-D-ERYTHRONOHYDROXAMIC ACID'
3 water water
#
_entity_poly.entity_id   1
_entity_poly.type   'polypeptide(L)'
_entity_poly.pdbx_seq_one_letter_code
;MGSSHHHHHHSSGLVPRGSHMTRRVAIGTDHPAFAIHENLILYVKEAGDEFVPVYCGPKTAESVDYPDFASRVAEMVARK
EVEFGVLACGSGIGMSIAANKVPGVRAALCHDHYTAAMSRIHNDANIVCVGERTTGVEVIREIIITFLQTPFSGEERHVR
RIEKIRAIEASHAGKKGVQ
;
_entity_poly.pdbx_strand_id   A,B
#
loop_
_chem_comp.id
_chem_comp.type
_chem_comp.name
_chem_comp.formula
RES non-polymer '4-PHOSPHO-D-ERYTHRONOHYDROXAMIC ACID' 'C4 H10 N O8 P'
#
# COMPACT_ATOMS: atom_id res chain seq x y z
N MET A 21 21.56 -18.88 -7.16
CA MET A 21 21.94 -17.52 -7.64
C MET A 21 20.83 -16.79 -8.43
N THR A 22 19.90 -17.55 -9.01
CA THR A 22 18.73 -16.95 -9.68
C THR A 22 17.62 -16.65 -8.65
N ARG A 23 16.73 -15.71 -8.98
CA ARG A 23 15.78 -15.12 -8.03
C ARG A 23 14.31 -15.41 -8.36
N ARG A 24 13.62 -16.13 -7.47
CA ARG A 24 12.22 -16.50 -7.71
C ARG A 24 11.25 -15.36 -7.39
N VAL A 25 10.15 -15.28 -8.15
CA VAL A 25 9.19 -14.18 -8.11
C VAL A 25 7.77 -14.75 -8.24
N ALA A 26 7.03 -14.79 -7.13
CA ALA A 26 5.67 -15.35 -7.13
C ALA A 26 4.62 -14.30 -7.56
N ILE A 27 3.64 -14.73 -8.34
CA ILE A 27 2.66 -13.83 -8.93
C ILE A 27 1.28 -14.26 -8.49
N GLY A 28 0.48 -13.33 -7.96
CA GLY A 28 -0.90 -13.60 -7.62
C GLY A 28 -1.81 -12.52 -8.15
N THR A 29 -3.03 -12.90 -8.53
CA THR A 29 -4.04 -11.94 -8.93
C THR A 29 -5.41 -12.36 -8.38
N ASP A 30 -6.38 -11.47 -8.46
CA ASP A 30 -7.79 -11.85 -8.41
C ASP A 30 -8.39 -11.72 -9.82
N HIS A 31 -9.71 -11.82 -9.94
CA HIS A 31 -10.36 -11.94 -11.26
C HIS A 31 -10.14 -10.84 -12.32
N PRO A 32 -10.12 -9.54 -11.94
CA PRO A 32 -9.94 -8.55 -13.01
C PRO A 32 -8.52 -8.55 -13.62
N ALA A 33 -7.53 -8.96 -12.84
CA ALA A 33 -6.14 -9.10 -13.29
C ALA A 33 -5.82 -10.45 -13.95
N PHE A 34 -6.75 -11.42 -13.88
CA PHE A 34 -6.56 -12.73 -14.53
C PHE A 34 -6.32 -12.62 -16.04
N ALA A 35 -7.04 -11.70 -16.68
CA ALA A 35 -6.91 -11.48 -18.12
C ALA A 35 -5.49 -11.09 -18.59
N ILE A 36 -4.69 -10.50 -17.69
CA ILE A 36 -3.29 -10.16 -17.99
C ILE A 36 -2.23 -11.03 -17.28
N HIS A 37 -2.59 -12.22 -16.82
CA HIS A 37 -1.66 -13.00 -16.01
C HIS A 37 -0.39 -13.50 -16.73
N GLU A 38 -0.50 -13.83 -18.02
N GLU A 38 -0.47 -13.83 -18.02
CA GLU A 38 0.68 -14.21 -18.81
CA GLU A 38 0.75 -14.22 -18.74
C GLU A 38 1.52 -13.00 -19.19
C GLU A 38 1.55 -12.99 -19.17
N ASN A 39 0.90 -11.82 -19.15
CA ASN A 39 1.60 -10.54 -19.30
C ASN A 39 2.57 -10.39 -18.14
N LEU A 40 2.06 -10.60 -16.92
CA LEU A 40 2.83 -10.48 -15.69
C LEU A 40 3.98 -11.46 -15.69
N ILE A 41 3.68 -12.70 -16.07
CA ILE A 41 4.67 -13.76 -16.20
C ILE A 41 5.77 -13.30 -17.18
N LEU A 42 5.35 -12.79 -18.34
CA LEU A 42 6.26 -12.30 -19.39
C LEU A 42 7.18 -11.17 -18.93
N TYR A 43 6.60 -10.18 -18.25
CA TYR A 43 7.34 -9.01 -17.78
C TYR A 43 8.41 -9.34 -16.72
N VAL A 44 8.15 -10.35 -15.89
CA VAL A 44 9.11 -10.84 -14.88
C VAL A 44 10.36 -11.38 -15.60
N LYS A 45 10.13 -12.23 -16.60
CA LYS A 45 11.20 -12.72 -17.47
C LYS A 45 11.95 -11.56 -18.15
N GLU A 46 11.22 -10.51 -18.53
CA GLU A 46 11.81 -9.37 -19.24
C GLU A 46 12.87 -8.59 -18.44
N ALA A 47 12.85 -8.71 -17.10
CA ALA A 47 13.83 -8.03 -16.22
C ALA A 47 15.24 -8.65 -16.26
N GLY A 48 15.35 -9.89 -16.73
CA GLY A 48 16.64 -10.57 -16.83
C GLY A 48 16.46 -12.06 -16.84
N ASP A 49 17.52 -12.79 -17.21
CA ASP A 49 17.52 -14.26 -17.23
C ASP A 49 17.38 -14.84 -15.82
N GLU A 50 17.96 -14.14 -14.85
CA GLU A 50 17.97 -14.57 -13.45
C GLU A 50 16.63 -14.45 -12.69
N PHE A 51 15.56 -14.01 -13.35
CA PHE A 51 14.25 -13.86 -12.72
C PHE A 51 13.28 -14.94 -13.17
N VAL A 52 12.83 -15.75 -12.23
CA VAL A 52 11.96 -16.90 -12.51
C VAL A 52 10.53 -16.69 -12.01
N PRO A 53 9.57 -16.46 -12.93
CA PRO A 53 8.17 -16.30 -12.47
C PRO A 53 7.59 -17.59 -11.87
N VAL A 54 6.67 -17.44 -10.93
CA VAL A 54 6.02 -18.56 -10.24
C VAL A 54 4.53 -18.18 -10.16
N TYR A 55 3.71 -18.70 -11.08
CA TYR A 55 2.30 -18.28 -11.14
C TYR A 55 1.39 -18.92 -10.07
N CYS A 56 0.79 -18.08 -9.22
CA CYS A 56 -0.03 -18.53 -8.10
C CYS A 56 -1.44 -17.95 -8.05
N GLY A 57 -1.93 -17.46 -9.18
CA GLY A 57 -3.23 -16.78 -9.22
C GLY A 57 -4.36 -17.65 -9.73
N PRO A 58 -5.50 -17.03 -10.09
CA PRO A 58 -6.62 -17.84 -10.55
C PRO A 58 -6.28 -18.52 -11.88
N LYS A 59 -6.10 -19.84 -11.82
CA LYS A 59 -5.85 -20.66 -13.00
C LYS A 59 -6.91 -20.45 -14.09
N THR A 60 -8.00 -19.75 -13.74
CA THR A 60 -9.11 -19.49 -14.66
C THR A 60 -9.90 -18.18 -14.40
N ALA A 61 -10.95 -17.97 -15.19
CA ALA A 61 -11.72 -16.72 -15.26
C ALA A 61 -12.38 -16.29 -13.94
N GLU A 62 -12.79 -17.30 -13.17
CA GLU A 62 -13.38 -17.22 -11.82
C GLU A 62 -13.21 -15.91 -10.98
N SER A 63 -14.36 -15.30 -10.64
CA SER A 63 -14.43 -14.24 -9.60
C SER A 63 -14.00 -14.74 -8.22
N VAL A 64 -12.87 -14.22 -7.71
CA VAL A 64 -12.28 -14.70 -6.46
C VAL A 64 -11.95 -13.58 -5.45
N ASP A 65 -11.53 -13.96 -4.24
CA ASP A 65 -11.27 -12.99 -3.18
C ASP A 65 -9.78 -12.71 -3.07
N TYR A 66 -9.38 -11.48 -3.41
CA TYR A 66 -7.96 -11.06 -3.42
C TYR A 66 -7.12 -11.45 -2.19
N PRO A 67 -7.70 -11.41 -0.95
CA PRO A 67 -6.88 -11.77 0.22
C PRO A 67 -6.35 -13.23 0.23
N ASP A 68 -7.07 -14.16 -0.41
CA ASP A 68 -6.63 -15.57 -0.56
C ASP A 68 -5.35 -15.73 -1.39
N PHE A 69 -5.20 -14.89 -2.41
CA PHE A 69 -4.04 -14.94 -3.31
C PHE A 69 -2.90 -14.06 -2.83
N ALA A 70 -3.23 -12.97 -2.14
CA ALA A 70 -2.26 -12.09 -1.51
C ALA A 70 -1.56 -12.88 -0.42
N SER A 71 -2.34 -13.65 0.34
CA SER A 71 -1.81 -14.51 1.38
C SER A 71 -0.86 -15.58 0.81
N ARG A 72 -1.30 -16.29 -0.21
CA ARG A 72 -0.49 -17.34 -0.82
C ARG A 72 0.88 -16.78 -1.15
N VAL A 73 0.89 -15.66 -1.89
CA VAL A 73 2.14 -15.06 -2.36
C VAL A 73 2.93 -14.42 -1.20
N ALA A 74 2.23 -13.66 -0.34
CA ALA A 74 2.81 -13.05 0.86
C ALA A 74 3.51 -14.05 1.77
N GLU A 75 2.87 -15.20 2.03
CA GLU A 75 3.48 -16.27 2.82
C GLU A 75 4.75 -16.86 2.20
N MET A 76 4.74 -17.11 0.88
CA MET A 76 5.92 -17.58 0.15
C MET A 76 7.12 -16.63 0.30
N VAL A 77 6.84 -15.32 0.26
CA VAL A 77 7.87 -14.29 0.42
C VAL A 77 8.41 -14.27 1.86
N ALA A 78 7.50 -14.22 2.84
CA ALA A 78 7.85 -14.24 4.25
C ALA A 78 8.59 -15.51 4.66
N ARG A 79 8.24 -16.66 4.08
CA ARG A 79 8.94 -17.95 4.35
C ARG A 79 10.27 -18.06 3.59
N LYS A 80 10.52 -17.08 2.72
CA LYS A 80 11.71 -17.03 1.86
C LYS A 80 11.74 -18.13 0.78
N GLU A 81 10.56 -18.63 0.39
CA GLU A 81 10.46 -19.64 -0.68
C GLU A 81 10.68 -18.99 -2.05
N VAL A 82 10.25 -17.73 -2.16
CA VAL A 82 10.58 -16.87 -3.29
C VAL A 82 11.20 -15.59 -2.72
N GLU A 83 11.98 -14.87 -3.53
CA GLU A 83 12.53 -13.57 -3.09
C GLU A 83 11.55 -12.37 -3.21
N PHE A 84 10.79 -12.35 -4.31
CA PHE A 84 9.87 -11.26 -4.62
C PHE A 84 8.48 -11.79 -4.88
N GLY A 85 7.49 -10.93 -4.74
CA GLY A 85 6.14 -11.23 -5.18
C GLY A 85 5.63 -10.12 -6.09
N VAL A 86 4.74 -10.48 -7.00
CA VAL A 86 4.00 -9.53 -7.80
C VAL A 86 2.51 -9.82 -7.57
N LEU A 87 1.77 -8.77 -7.20
CA LEU A 87 0.34 -8.92 -6.95
C LEU A 87 -0.46 -7.94 -7.79
N ALA A 88 -1.51 -8.43 -8.44
CA ALA A 88 -2.38 -7.54 -9.20
C ALA A 88 -3.85 -7.69 -8.81
N CYS A 89 -4.51 -6.57 -8.55
CA CYS A 89 -5.95 -6.59 -8.44
C CYS A 89 -6.55 -5.46 -9.25
N GLY A 90 -7.82 -5.13 -8.99
CA GLY A 90 -8.49 -4.00 -9.65
C GLY A 90 -7.67 -2.72 -9.55
N SER A 91 -7.52 -2.20 -8.33
CA SER A 91 -6.75 -0.96 -8.11
C SER A 91 -5.36 -1.18 -7.49
N GLY A 92 -5.06 -2.44 -7.15
CA GLY A 92 -3.82 -2.79 -6.44
C GLY A 92 -3.87 -2.65 -4.94
N ILE A 93 -4.89 -1.94 -4.45
CA ILE A 93 -5.02 -1.56 -3.03
C ILE A 93 -5.26 -2.75 -2.09
N GLY A 94 -6.22 -3.59 -2.43
CA GLY A 94 -6.55 -4.76 -1.62
C GLY A 94 -5.39 -5.72 -1.49
N MET A 95 -4.64 -5.86 -2.57
CA MET A 95 -3.43 -6.68 -2.56
C MET A 95 -2.36 -6.13 -1.62
N SER A 96 -2.16 -4.81 -1.61
CA SER A 96 -1.15 -4.19 -0.72
C SER A 96 -1.52 -4.24 0.77
N ILE A 97 -2.79 -3.98 1.08
CA ILE A 97 -3.30 -4.15 2.44
C ILE A 97 -3.14 -5.60 2.93
N ALA A 98 -3.67 -6.56 2.17
CA ALA A 98 -3.68 -7.98 2.58
C ALA A 98 -2.29 -8.60 2.67
N ALA A 99 -1.41 -8.26 1.74
CA ALA A 99 -0.03 -8.76 1.79
C ALA A 99 0.81 -8.16 2.94
N ASN A 100 0.53 -6.91 3.30
CA ASN A 100 1.25 -6.26 4.40
C ASN A 100 0.88 -6.79 5.79
N LYS A 101 -0.26 -7.49 5.87
CA LYS A 101 -0.67 -8.23 7.07
C LYS A 101 0.23 -9.43 7.41
N VAL A 102 1.04 -9.88 6.46
CA VAL A 102 1.99 -10.99 6.72
C VAL A 102 3.31 -10.39 7.19
N PRO A 103 3.77 -10.78 8.42
CA PRO A 103 5.07 -10.27 8.88
C PRO A 103 6.23 -10.70 7.97
N GLY A 104 7.19 -9.80 7.76
CA GLY A 104 8.30 -10.04 6.84
C GLY A 104 8.05 -9.44 5.46
N VAL A 105 6.81 -9.01 5.21
CA VAL A 105 6.43 -8.48 3.91
C VAL A 105 6.41 -6.94 3.89
N ARG A 106 7.01 -6.37 2.82
CA ARG A 106 6.93 -4.95 2.49
C ARG A 106 6.37 -4.88 1.07
N ALA A 107 5.05 -4.70 0.98
CA ALA A 107 4.31 -4.72 -0.28
C ALA A 107 4.03 -3.28 -0.66
N ALA A 108 4.49 -2.88 -1.84
CA ALA A 108 4.34 -1.52 -2.37
C ALA A 108 3.35 -1.38 -3.55
N LEU A 109 2.32 -0.57 -3.33
CA LEU A 109 1.44 -0.14 -4.40
C LEU A 109 2.15 0.89 -5.28
N CYS A 110 2.54 0.48 -6.49
CA CYS A 110 3.20 1.40 -7.44
C CYS A 110 2.32 1.67 -8.67
N HIS A 111 2.50 2.86 -9.26
CA HIS A 111 1.61 3.30 -10.35
C HIS A 111 2.42 3.91 -11.49
N ASP A 112 3.72 4.01 -11.27
CA ASP A 112 4.64 4.50 -12.28
C ASP A 112 6.04 3.99 -11.96
N HIS A 113 7.01 4.44 -12.76
CA HIS A 113 8.40 4.07 -12.67
C HIS A 113 9.03 4.57 -11.38
N TYR A 114 8.71 5.80 -10.99
CA TYR A 114 9.35 6.43 -9.84
C TYR A 114 8.99 5.71 -8.55
N THR A 115 7.71 5.42 -8.32
CA THR A 115 7.33 4.67 -7.13
C THR A 115 7.93 3.26 -7.13
N ALA A 116 8.05 2.64 -8.30
CA ALA A 116 8.60 1.27 -8.42
C ALA A 116 10.08 1.26 -8.02
N ALA A 117 10.81 2.24 -8.51
CA ALA A 117 12.22 2.42 -8.15
C ALA A 117 12.41 2.76 -6.68
N MET A 118 11.64 3.71 -6.16
CA MET A 118 11.84 4.20 -4.78
C MET A 118 11.42 3.18 -3.73
N SER A 119 10.38 2.39 -4.02
CA SER A 119 9.95 1.27 -3.15
C SER A 119 11.10 0.29 -2.84
N ARG A 120 11.94 0.09 -3.85
CA ARG A 120 13.16 -0.68 -3.74
C ARG A 120 14.30 0.09 -3.07
N ILE A 121 14.65 1.25 -3.62
CA ILE A 121 15.75 2.07 -3.09
C ILE A 121 15.62 2.39 -1.59
N HIS A 122 14.45 2.91 -1.18
CA HIS A 122 14.22 3.40 0.19
C HIS A 122 13.63 2.33 1.13
N ASN A 123 12.58 1.65 0.68
CA ASN A 123 11.78 0.75 1.52
C ASN A 123 12.18 -0.74 1.43
N ASP A 124 13.15 -1.09 0.58
CA ASP A 124 13.48 -2.49 0.23
C ASP A 124 12.24 -3.37 0.06
N ALA A 125 11.33 -2.93 -0.80
CA ALA A 125 10.03 -3.58 -0.91
C ALA A 125 10.23 -4.95 -1.55
N ASN A 126 9.49 -5.95 -1.08
CA ASN A 126 9.64 -7.32 -1.57
C ASN A 126 8.39 -7.81 -2.32
N ILE A 127 7.30 -7.04 -2.27
CA ILE A 127 6.13 -7.28 -3.09
C ILE A 127 5.70 -6.00 -3.82
N VAL A 128 5.53 -6.12 -5.14
CA VAL A 128 4.98 -5.03 -5.94
C VAL A 128 3.51 -5.30 -6.21
N CYS A 129 2.67 -4.29 -5.94
CA CYS A 129 1.24 -4.37 -6.18
C CYS A 129 0.85 -3.41 -7.31
N VAL A 130 -0.06 -3.87 -8.17
CA VAL A 130 -0.57 -3.06 -9.28
C VAL A 130 -2.08 -3.26 -9.49
N GLY A 131 -2.76 -2.21 -9.96
CA GLY A 131 -4.14 -2.29 -10.45
C GLY A 131 -4.30 -2.36 -11.97
N GLU A 132 -4.95 -3.43 -12.44
CA GLU A 132 -5.32 -3.66 -13.85
C GLU A 132 -6.34 -2.62 -14.37
N ARG A 133 -7.11 -2.05 -13.46
N ARG A 133 -7.14 -2.05 -13.48
CA ARG A 133 -8.18 -1.11 -13.81
CA ARG A 133 -8.18 -1.09 -13.89
C ARG A 133 -7.70 0.34 -13.89
C ARG A 133 -7.68 0.35 -13.94
N THR A 134 -6.51 0.58 -13.34
CA THR A 134 -5.97 1.93 -13.18
C THR A 134 -4.73 2.21 -14.06
N THR A 135 -3.88 1.20 -14.21
CA THR A 135 -2.56 1.35 -14.81
C THR A 135 -2.47 0.48 -16.08
N GLY A 136 -2.09 1.10 -17.21
CA GLY A 136 -2.01 0.37 -18.48
C GLY A 136 -0.91 -0.67 -18.49
N VAL A 137 -1.03 -1.70 -19.33
CA VAL A 137 -0.08 -2.85 -19.26
C VAL A 137 1.39 -2.50 -19.51
N GLU A 138 1.64 -1.52 -20.37
CA GLU A 138 3.04 -1.16 -20.68
C GLU A 138 3.75 -0.45 -19.52
N VAL A 139 2.98 0.24 -18.68
CA VAL A 139 3.46 0.82 -17.45
C VAL A 139 3.54 -0.22 -16.33
N ILE A 140 2.61 -1.17 -16.33
CA ILE A 140 2.69 -2.30 -15.42
C ILE A 140 3.99 -3.06 -15.69
N ARG A 141 4.30 -3.26 -16.96
CA ARG A 141 5.54 -3.89 -17.41
C ARG A 141 6.74 -3.13 -16.90
N GLU A 142 6.70 -1.80 -17.06
CA GLU A 142 7.78 -0.94 -16.66
C GLU A 142 7.94 -0.97 -15.15
N ILE A 143 6.82 -0.99 -14.43
CA ILE A 143 6.80 -1.09 -12.94
C ILE A 143 7.51 -2.36 -12.49
N ILE A 144 7.13 -3.50 -13.10
CA ILE A 144 7.65 -4.80 -12.66
C ILE A 144 9.16 -4.89 -12.89
N ILE A 145 9.57 -4.54 -14.12
CA ILE A 145 10.98 -4.51 -14.51
C ILE A 145 11.82 -3.59 -13.60
N THR A 146 11.35 -2.38 -13.38
CA THR A 146 12.05 -1.41 -12.52
C THR A 146 12.18 -1.95 -11.09
N PHE A 147 11.10 -2.52 -10.57
CA PHE A 147 11.04 -3.11 -9.23
C PHE A 147 12.11 -4.20 -9.04
N LEU A 148 12.12 -5.17 -9.96
CA LEU A 148 13.03 -6.31 -9.93
C LEU A 148 14.49 -5.95 -10.13
N GLN A 149 14.75 -4.98 -11.00
CA GLN A 149 16.12 -4.60 -11.36
C GLN A 149 16.79 -3.58 -10.43
N THR A 150 15.98 -2.76 -9.74
CA THR A 150 16.52 -1.70 -8.86
C THR A 150 16.88 -2.28 -7.49
N PRO A 151 18.13 -2.06 -7.01
CA PRO A 151 18.57 -2.56 -5.71
C PRO A 151 18.23 -1.63 -4.56
N PHE A 152 18.10 -2.22 -3.36
CA PHE A 152 18.02 -1.46 -2.12
C PHE A 152 19.34 -0.71 -1.88
N SER A 153 19.24 0.53 -1.40
CA SER A 153 20.42 1.38 -1.21
C SER A 153 21.36 0.93 -0.08
N GLY A 154 20.79 0.29 0.94
CA GLY A 154 21.52 -0.13 2.14
C GLY A 154 21.88 1.00 3.07
N GLU A 155 21.37 2.20 2.80
CA GLU A 155 21.74 3.39 3.55
C GLU A 155 21.12 3.42 4.94
N GLU A 156 21.85 4.02 5.87
CA GLU A 156 21.58 3.88 7.32
C GLU A 156 20.14 4.22 7.76
N ARG A 157 19.62 5.34 7.29
CA ARG A 157 18.30 5.81 7.72
C ARG A 157 17.18 4.88 7.27
N HIS A 158 17.39 4.28 6.09
CA HIS A 158 16.47 3.31 5.47
C HIS A 158 16.44 1.95 6.19
N VAL A 159 17.63 1.38 6.48
CA VAL A 159 17.76 0.19 7.35
C VAL A 159 17.05 0.36 8.71
N ARG A 160 17.39 1.43 9.43
CA ARG A 160 16.69 1.82 10.68
C ARG A 160 15.15 1.94 10.55
N ARG A 161 14.68 2.58 9.47
CA ARG A 161 13.24 2.71 9.22
C ARG A 161 12.58 1.36 8.92
N ILE A 162 13.23 0.53 8.12
CA ILE A 162 12.76 -0.84 7.88
C ILE A 162 12.72 -1.69 9.18
N GLU A 163 13.68 -1.48 10.08
CA GLU A 163 13.74 -2.20 11.35
C GLU A 163 12.57 -1.74 12.24
N LYS A 164 12.23 -0.46 12.14
CA LYS A 164 11.09 0.09 12.88
C LYS A 164 9.74 -0.48 12.44
N ILE A 165 9.64 -0.88 11.17
CA ILE A 165 8.46 -1.56 10.63
C ILE A 165 8.36 -2.98 11.21
N ARG A 166 9.51 -3.66 11.26
CA ARG A 166 9.66 -4.95 11.95
C ARG A 166 9.31 -4.84 13.45
N ALA A 167 9.83 -3.83 14.14
CA ALA A 167 9.48 -3.61 15.56
C ALA A 167 7.97 -3.44 15.79
N ILE A 168 7.28 -2.74 14.87
CA ILE A 168 5.79 -2.64 14.86
C ILE A 168 5.08 -4.00 14.75
N GLU A 169 5.54 -4.84 13.80
CA GLU A 169 5.09 -6.22 13.63
C GLU A 169 5.26 -7.08 14.89
N ALA A 170 6.44 -6.96 15.50
CA ALA A 170 6.74 -7.63 16.78
C ALA A 170 5.78 -7.23 17.92
N SER A 171 5.39 -5.94 17.99
CA SER A 171 4.45 -5.48 19.03
C SER A 171 2.97 -5.99 18.93
N HIS A 172 2.60 -6.63 17.82
CA HIS A 172 1.23 -7.10 17.61
C HIS A 172 1.06 -8.62 17.42
N THR B 22 -19.40 14.05 14.32
CA THR B 22 -17.94 14.36 14.41
C THR B 22 -17.11 13.17 13.96
N ARG B 23 -16.32 13.38 12.91
CA ARG B 23 -15.46 12.32 12.38
C ARG B 23 -14.02 12.80 12.43
N ARG B 24 -13.27 12.32 13.42
CA ARG B 24 -11.89 12.73 13.60
C ARG B 24 -11.01 12.03 12.59
N VAL B 25 -10.00 12.75 12.10
CA VAL B 25 -9.07 12.23 11.11
C VAL B 25 -7.71 12.60 11.67
N ALA B 26 -6.91 11.60 12.04
CA ALA B 26 -5.55 11.85 12.55
C ALA B 26 -4.57 12.05 11.40
N ILE B 27 -3.69 13.05 11.50
CA ILE B 27 -2.72 13.34 10.41
C ILE B 27 -1.25 13.09 10.79
N GLY B 28 -0.56 12.29 10.00
CA GLY B 28 0.85 12.00 10.21
C GLY B 28 1.70 12.20 8.97
N THR B 29 2.91 12.68 9.18
CA THR B 29 3.87 12.85 8.07
C THR B 29 5.30 12.46 8.50
N ASP B 30 6.20 12.33 7.53
CA ASP B 30 7.62 12.52 7.83
C ASP B 30 8.07 13.87 7.22
N HIS B 31 9.37 14.12 7.20
CA HIS B 31 9.97 15.41 6.77
C HIS B 31 9.67 15.94 5.37
N PRO B 32 9.67 15.10 4.30
CA PRO B 32 9.29 15.66 2.99
C PRO B 32 7.83 16.16 2.94
N ALA B 33 6.98 15.64 3.80
CA ALA B 33 5.60 16.11 3.83
C ALA B 33 5.34 17.22 4.84
N PHE B 34 6.35 17.58 5.65
CA PHE B 34 6.15 18.58 6.70
C PHE B 34 5.74 19.94 6.14
N ALA B 35 6.40 20.40 5.07
CA ALA B 35 6.08 21.72 4.49
C ALA B 35 4.62 21.84 4.02
N ILE B 36 4.00 20.71 3.70
CA ILE B 36 2.59 20.68 3.30
C ILE B 36 1.61 20.17 4.37
N HIS B 37 2.01 20.18 5.65
CA HIS B 37 1.13 19.63 6.72
C HIS B 37 -0.12 20.49 6.99
N GLU B 38 -0.01 21.80 6.82
CA GLU B 38 -1.14 22.71 7.03
C GLU B 38 -2.15 22.61 5.90
N ASN B 39 -1.65 22.28 4.72
CA ASN B 39 -2.46 21.89 3.58
C ASN B 39 -3.37 20.72 3.93
N LEU B 40 -2.76 19.69 4.51
CA LEU B 40 -3.48 18.44 4.81
C LEU B 40 -4.56 18.70 5.86
N ILE B 41 -4.21 19.53 6.86
CA ILE B 41 -5.17 20.01 7.87
C ILE B 41 -6.33 20.72 7.15
N LEU B 42 -6.00 21.66 6.25
CA LEU B 42 -7.01 22.40 5.49
C LEU B 42 -7.91 21.50 4.62
N TYR B 43 -7.32 20.51 3.96
CA TYR B 43 -8.05 19.62 3.04
C TYR B 43 -9.04 18.69 3.77
N VAL B 44 -8.74 18.37 5.05
CA VAL B 44 -9.63 17.56 5.90
C VAL B 44 -10.93 18.34 6.20
N LYS B 45 -10.77 19.61 6.62
CA LYS B 45 -11.89 20.50 6.90
C LYS B 45 -12.71 20.83 5.65
N GLU B 46 -12.05 20.82 4.48
CA GLU B 46 -12.73 21.14 3.23
C GLU B 46 -13.70 20.04 2.81
N ALA B 47 -13.48 18.82 3.32
CA ALA B 47 -14.36 17.68 3.04
C ALA B 47 -15.73 17.80 3.72
N GLY B 48 -15.83 18.68 4.73
CA GLY B 48 -17.07 18.90 5.47
C GLY B 48 -16.81 19.42 6.86
N ASP B 49 -17.82 20.04 7.48
CA ASP B 49 -17.69 20.57 8.84
C ASP B 49 -17.56 19.47 9.90
N GLU B 50 -18.09 18.29 9.60
CA GLU B 50 -18.01 17.16 10.52
C GLU B 50 -16.60 16.56 10.56
N PHE B 51 -15.78 16.88 9.57
CA PHE B 51 -14.45 16.31 9.52
C PHE B 51 -13.50 17.18 10.32
N VAL B 52 -13.01 16.59 11.41
CA VAL B 52 -12.11 17.26 12.35
C VAL B 52 -10.70 16.67 12.23
N PRO B 53 -9.73 17.51 11.80
CA PRO B 53 -8.34 17.09 11.70
C PRO B 53 -7.66 17.07 13.06
N VAL B 54 -6.84 16.04 13.28
CA VAL B 54 -6.08 15.89 14.51
C VAL B 54 -4.63 15.72 14.06
N TYR B 55 -3.83 16.77 14.17
CA TYR B 55 -2.46 16.73 13.67
C TYR B 55 -1.51 16.00 14.64
N CYS B 56 -0.99 14.87 14.17
CA CYS B 56 -0.07 14.04 14.96
C CYS B 56 1.27 13.85 14.27
N GLY B 57 1.64 14.79 13.40
CA GLY B 57 2.92 14.74 12.68
C GLY B 57 4.00 15.52 13.39
N PRO B 58 5.20 15.64 12.77
CA PRO B 58 6.33 16.37 13.39
C PRO B 58 6.05 17.87 13.57
N LYS B 59 6.77 18.49 14.50
CA LYS B 59 6.58 19.91 14.74
C LYS B 59 7.60 20.75 13.99
N THR B 60 8.75 20.15 13.68
CA THR B 60 9.81 20.82 12.92
C THR B 60 10.11 20.05 11.63
N ALA B 61 10.86 20.71 10.73
CA ALA B 61 11.11 20.18 9.39
C ALA B 61 12.32 19.23 9.31
N GLU B 62 12.98 18.98 10.43
CA GLU B 62 14.13 18.06 10.41
C GLU B 62 13.70 16.61 10.19
N SER B 63 14.63 15.83 9.64
CA SER B 63 14.36 14.44 9.28
C SER B 63 13.77 13.66 10.46
N VAL B 64 12.78 12.83 10.16
CA VAL B 64 12.20 11.89 11.13
C VAL B 64 11.97 10.56 10.40
N ASP B 65 11.58 9.51 11.12
CA ASP B 65 11.36 8.18 10.51
C ASP B 65 9.87 7.91 10.38
N TYR B 66 9.41 7.72 9.14
CA TYR B 66 7.98 7.50 8.86
C TYR B 66 7.24 6.44 9.72
N PRO B 67 7.91 5.31 10.09
CA PRO B 67 7.20 4.30 10.91
C PRO B 67 6.71 4.84 12.26
N ASP B 68 7.46 5.78 12.83
CA ASP B 68 7.11 6.39 14.11
C ASP B 68 5.76 7.09 14.03
N PHE B 69 5.55 7.86 12.98
CA PHE B 69 4.31 8.61 12.80
C PHE B 69 3.19 7.78 12.16
N ALA B 70 3.56 6.83 11.28
CA ALA B 70 2.61 5.85 10.76
C ALA B 70 1.96 5.07 11.92
N SER B 71 2.80 4.63 12.86
CA SER B 71 2.33 3.86 14.00
C SER B 71 1.38 4.66 14.88
N ARG B 72 1.77 5.88 15.26
N ARG B 72 1.79 5.88 15.26
CA ARG B 72 0.90 6.75 16.07
CA ARG B 72 0.95 6.81 16.03
C ARG B 72 -0.52 6.90 15.49
C ARG B 72 -0.49 6.92 15.49
N VAL B 73 -0.61 7.21 14.20
CA VAL B 73 -1.90 7.40 13.53
C VAL B 73 -2.67 6.09 13.39
N ALA B 74 -1.98 5.02 12.99
CA ALA B 74 -2.58 3.70 12.81
C ALA B 74 -3.15 3.14 14.11
N GLU B 75 -2.39 3.27 15.21
CA GLU B 75 -2.88 2.87 16.55
C GLU B 75 -4.15 3.64 16.97
N MET B 76 -4.19 4.96 16.72
CA MET B 76 -5.42 5.74 17.00
C MET B 76 -6.61 5.22 16.22
N VAL B 77 -6.39 4.87 14.96
CA VAL B 77 -7.43 4.31 14.09
C VAL B 77 -7.88 2.93 14.60
N ALA B 78 -6.90 2.07 14.90
CA ALA B 78 -7.17 0.73 15.43
C ALA B 78 -7.92 0.76 16.77
N ARG B 79 -7.43 1.57 17.72
CA ARG B 79 -8.11 1.82 19.01
C ARG B 79 -9.45 2.56 18.91
N LYS B 80 -9.78 3.08 17.72
CA LYS B 80 -11.02 3.81 17.48
C LYS B 80 -11.08 5.19 18.16
N GLU B 81 -9.92 5.82 18.42
CA GLU B 81 -9.88 7.23 18.89
C GLU B 81 -10.34 8.16 17.79
N VAL B 82 -9.94 7.83 16.57
CA VAL B 82 -10.32 8.57 15.39
C VAL B 82 -10.89 7.58 14.35
N GLU B 83 -11.79 8.07 13.50
CA GLU B 83 -12.36 7.27 12.44
C GLU B 83 -11.41 7.03 11.27
N PHE B 84 -10.59 8.04 10.95
CA PHE B 84 -9.78 8.02 9.73
C PHE B 84 -8.35 8.47 9.98
N GLY B 85 -7.45 8.01 9.12
CA GLY B 85 -6.10 8.50 9.11
C GLY B 85 -5.69 9.09 7.76
N VAL B 86 -4.77 10.06 7.83
CA VAL B 86 -4.11 10.61 6.64
C VAL B 86 -2.60 10.56 6.93
N LEU B 87 -1.86 9.95 6.01
CA LEU B 87 -0.42 9.80 6.14
C LEU B 87 0.31 10.26 4.87
N ALA B 88 1.32 11.12 5.01
CA ALA B 88 2.13 11.55 3.87
C ALA B 88 3.62 11.37 4.14
N CYS B 89 4.33 10.95 3.11
CA CYS B 89 5.77 10.77 3.13
C CYS B 89 6.27 11.03 1.69
N GLY B 90 7.53 10.69 1.39
CA GLY B 90 8.06 10.92 0.04
C GLY B 90 7.16 10.41 -1.10
N SER B 91 6.86 9.13 -1.05
CA SER B 91 6.15 8.40 -2.09
C SER B 91 4.84 7.78 -1.58
N GLY B 92 4.68 7.83 -0.25
CA GLY B 92 3.55 7.22 0.41
C GLY B 92 3.69 5.74 0.66
N ILE B 93 4.66 5.11 0.02
CA ILE B 93 4.89 3.66 0.14
C ILE B 93 5.24 3.26 1.59
N GLY B 94 6.17 3.97 2.20
CA GLY B 94 6.59 3.71 3.58
C GLY B 94 5.47 3.75 4.58
N MET B 95 4.61 4.77 4.44
CA MET B 95 3.41 4.98 5.27
C MET B 95 2.40 3.86 5.15
N SER B 96 2.19 3.37 3.93
CA SER B 96 1.17 2.35 3.71
C SER B 96 1.63 0.97 4.17
N ILE B 97 2.94 0.72 4.13
CA ILE B 97 3.49 -0.56 4.59
C ILE B 97 3.41 -0.57 6.12
N ALA B 98 3.97 0.45 6.75
CA ALA B 98 4.07 0.51 8.22
C ALA B 98 2.69 0.66 8.90
N ALA B 99 1.80 1.50 8.36
CA ALA B 99 0.42 1.57 8.86
C ALA B 99 -0.36 0.24 8.76
N ASN B 100 -0.14 -0.52 7.70
CA ASN B 100 -0.86 -1.76 7.53
C ASN B 100 -0.41 -2.88 8.47
N LYS B 101 0.69 -2.65 9.17
CA LYS B 101 1.19 -3.60 10.17
C LYS B 101 0.34 -3.60 11.45
N VAL B 102 -0.47 -2.56 11.63
CA VAL B 102 -1.34 -2.46 12.79
C VAL B 102 -2.68 -3.15 12.48
N PRO B 103 -3.08 -4.13 13.32
CA PRO B 103 -4.35 -4.85 13.11
C PRO B 103 -5.56 -3.92 13.19
N GLY B 104 -6.48 -4.04 12.24
CA GLY B 104 -7.61 -3.13 12.14
C GLY B 104 -7.43 -2.02 11.11
N VAL B 105 -6.21 -1.80 10.68
CA VAL B 105 -5.92 -0.75 9.70
C VAL B 105 -5.98 -1.31 8.27
N ARG B 106 -6.64 -0.54 7.41
CA ARG B 106 -6.66 -0.76 5.96
C ARG B 106 -6.15 0.54 5.33
N ALA B 107 -4.84 0.64 5.18
CA ALA B 107 -4.18 1.84 4.68
C ALA B 107 -4.01 1.74 3.17
N ALA B 108 -4.62 2.68 2.44
CA ALA B 108 -4.61 2.66 0.99
C ALA B 108 -3.74 3.76 0.37
N LEU B 109 -2.68 3.38 -0.35
CA LEU B 109 -1.86 4.36 -1.08
C LEU B 109 -2.58 4.79 -2.36
N CYS B 110 -3.05 6.05 -2.38
CA CYS B 110 -3.81 6.59 -3.50
C CYS B 110 -3.00 7.62 -4.30
N HIS B 111 -3.20 7.66 -5.61
CA HIS B 111 -2.43 8.56 -6.49
C HIS B 111 -3.33 9.41 -7.39
N ASP B 112 -4.64 9.15 -7.29
CA ASP B 112 -5.64 9.89 -8.02
C ASP B 112 -7.00 9.74 -7.34
N HIS B 113 -8.02 10.37 -7.94
CA HIS B 113 -9.40 10.34 -7.49
C HIS B 113 -9.96 8.89 -7.52
N TYR B 114 -9.74 8.18 -8.61
CA TYR B 114 -10.26 6.80 -8.72
C TYR B 114 -9.80 5.92 -7.55
N THR B 115 -8.50 5.87 -7.28
CA THR B 115 -7.99 5.03 -6.19
C THR B 115 -8.53 5.48 -4.81
N ALA B 116 -8.68 6.79 -4.60
CA ALA B 116 -9.30 7.30 -3.37
C ALA B 116 -10.75 6.86 -3.18
N ALA B 117 -11.56 6.94 -4.25
CA ALA B 117 -12.96 6.52 -4.18
C ALA B 117 -13.07 5.02 -3.95
N MET B 118 -12.39 4.24 -4.78
CA MET B 118 -12.50 2.77 -4.73
C MET B 118 -11.93 2.17 -3.46
N SER B 119 -10.91 2.83 -2.88
CA SER B 119 -10.34 2.41 -1.58
C SER B 119 -11.41 2.37 -0.49
N ARG B 120 -12.38 3.28 -0.59
CA ARG B 120 -13.49 3.41 0.34
C ARG B 120 -14.65 2.49 -0.05
N ILE B 121 -15.01 2.50 -1.33
CA ILE B 121 -16.15 1.71 -1.85
C ILE B 121 -15.90 0.19 -1.79
N HIS B 122 -14.71 -0.24 -2.18
CA HIS B 122 -14.38 -1.65 -2.23
C HIS B 122 -13.64 -2.19 -0.99
N ASN B 123 -12.71 -1.39 -0.46
CA ASN B 123 -11.81 -1.92 0.56
C ASN B 123 -12.16 -1.48 1.95
N ASP B 124 -13.12 -0.55 2.05
CA ASP B 124 -13.46 0.18 3.28
C ASP B 124 -12.23 0.78 3.98
N ALA B 125 -11.37 1.43 3.22
CA ALA B 125 -10.08 1.82 3.79
C ALA B 125 -10.30 2.86 4.92
N ASN B 126 -9.50 2.77 5.97
CA ASN B 126 -9.59 3.73 7.08
C ASN B 126 -8.40 4.70 7.18
N ILE B 127 -7.37 4.50 6.34
CA ILE B 127 -6.20 5.40 6.25
C ILE B 127 -5.84 5.64 4.78
N VAL B 128 -5.64 6.90 4.39
CA VAL B 128 -5.24 7.22 3.03
C VAL B 128 -3.81 7.68 3.09
N CYS B 129 -2.97 7.13 2.21
CA CYS B 129 -1.55 7.47 2.17
C CYS B 129 -1.25 8.11 0.81
N VAL B 130 -0.44 9.17 0.86
CA VAL B 130 -0.05 9.95 -0.33
C VAL B 130 1.46 10.26 -0.30
N GLY B 131 2.03 10.45 -1.48
CA GLY B 131 3.42 10.87 -1.62
C GLY B 131 3.57 12.34 -2.02
N GLU B 132 4.28 13.08 -1.20
CA GLU B 132 4.58 14.51 -1.40
C GLU B 132 5.46 14.80 -2.64
N ARG B 133 6.40 13.90 -2.92
CA ARG B 133 7.36 14.07 -4.02
C ARG B 133 6.79 13.50 -5.31
N THR B 134 5.68 12.76 -5.20
CA THR B 134 5.05 12.10 -6.34
C THR B 134 3.77 12.75 -6.84
N THR B 135 2.94 13.22 -5.91
CA THR B 135 1.59 13.70 -6.24
C THR B 135 1.47 15.18 -5.90
N GLY B 136 1.14 16.01 -6.89
CA GLY B 136 0.95 17.46 -6.67
C GLY B 136 -0.12 17.76 -5.62
N VAL B 137 0.01 18.89 -4.91
CA VAL B 137 -0.91 19.18 -3.79
C VAL B 137 -2.40 19.23 -4.16
N GLU B 138 -2.73 19.69 -5.37
CA GLU B 138 -4.15 19.77 -5.78
C GLU B 138 -4.77 18.39 -5.98
N VAL B 139 -3.94 17.44 -6.39
CA VAL B 139 -4.36 16.05 -6.51
C VAL B 139 -4.37 15.42 -5.11
N ILE B 140 -3.40 15.78 -4.27
CA ILE B 140 -3.46 15.41 -2.84
C ILE B 140 -4.75 15.95 -2.20
N ARG B 141 -5.11 17.22 -2.44
CA ARG B 141 -6.38 17.81 -1.97
C ARG B 141 -7.58 16.96 -2.37
N GLU B 142 -7.74 16.77 -3.69
CA GLU B 142 -8.77 15.91 -4.27
C GLU B 142 -8.80 14.52 -3.63
N ILE B 143 -7.66 13.83 -3.55
CA ILE B 143 -7.59 12.49 -2.91
C ILE B 143 -8.23 12.49 -1.50
N ILE B 144 -7.79 13.42 -0.65
CA ILE B 144 -8.22 13.48 0.75
C ILE B 144 -9.72 13.73 0.86
N ILE B 145 -10.21 14.70 0.11
CA ILE B 145 -11.64 15.03 0.08
C ILE B 145 -12.50 13.84 -0.38
N THR B 146 -12.13 13.20 -1.49
CA THR B 146 -12.78 11.98 -2.03
C THR B 146 -12.75 10.76 -1.07
N PHE B 147 -11.59 10.46 -0.51
CA PHE B 147 -11.45 9.44 0.54
C PHE B 147 -12.42 9.67 1.70
N LEU B 148 -12.54 10.90 2.16
CA LEU B 148 -13.37 11.17 3.36
C LEU B 148 -14.88 11.15 3.06
N GLN B 149 -15.25 11.65 1.89
CA GLN B 149 -16.65 11.83 1.51
C GLN B 149 -17.29 10.57 0.93
N THR B 150 -16.49 9.69 0.34
CA THR B 150 -17.00 8.48 -0.30
C THR B 150 -17.29 7.36 0.72
N PRO B 151 -18.56 6.87 0.74
CA PRO B 151 -18.95 5.75 1.61
C PRO B 151 -18.51 4.38 1.09
N PHE B 152 -18.27 3.45 2.01
CA PHE B 152 -18.14 2.02 1.71
C PHE B 152 -19.45 1.51 1.13
N SER B 153 -19.37 0.70 0.08
CA SER B 153 -20.56 0.19 -0.60
C SER B 153 -21.44 -0.69 0.29
N GLY B 154 -20.81 -1.43 1.20
CA GLY B 154 -21.52 -2.36 2.07
C GLY B 154 -21.80 -3.71 1.43
N GLU B 155 -21.39 -3.88 0.17
CA GLU B 155 -21.65 -5.11 -0.59
C GLU B 155 -21.05 -6.36 0.03
N GLU B 156 -21.79 -7.46 -0.14
CA GLU B 156 -21.43 -8.76 0.40
C GLU B 156 -19.97 -9.18 0.13
N ARG B 157 -19.53 -9.14 -1.13
CA ARG B 157 -18.21 -9.64 -1.54
C ARG B 157 -17.05 -8.89 -0.88
N HIS B 158 -17.17 -7.55 -0.83
CA HIS B 158 -16.21 -6.67 -0.14
C HIS B 158 -16.21 -6.92 1.36
N VAL B 159 -17.40 -7.04 1.96
CA VAL B 159 -17.54 -7.34 3.39
C VAL B 159 -16.83 -8.67 3.71
N ARG B 160 -17.05 -9.68 2.86
CA ARG B 160 -16.32 -10.95 2.94
C ARG B 160 -14.79 -10.82 2.78
N ARG B 161 -14.35 -10.03 1.79
CA ARG B 161 -12.92 -9.87 1.55
C ARG B 161 -12.25 -9.14 2.70
N ILE B 162 -12.88 -8.08 3.20
CA ILE B 162 -12.39 -7.33 4.40
C ILE B 162 -12.31 -8.20 5.66
N GLU B 163 -13.29 -9.08 5.85
CA GLU B 163 -13.27 -10.07 6.92
C GLU B 163 -12.11 -11.06 6.74
N LYS B 164 -11.80 -11.42 5.49
CA LYS B 164 -10.66 -12.29 5.19
C LYS B 164 -9.27 -11.67 5.45
N ILE B 165 -9.18 -10.34 5.37
CA ILE B 165 -7.99 -9.57 5.78
C ILE B 165 -7.78 -9.65 7.31
N ARG B 166 -8.88 -9.50 8.04
CA ARG B 166 -8.95 -9.65 9.48
C ARG B 166 -8.53 -11.06 9.93
N ALA B 167 -8.85 -12.08 9.14
CA ALA B 167 -8.45 -13.47 9.40
C ALA B 167 -6.96 -13.74 9.15
N ILE B 168 -6.36 -13.05 8.18
CA ILE B 168 -4.91 -13.04 7.97
C ILE B 168 -4.17 -12.46 9.18
N GLU B 169 -4.65 -11.32 9.70
CA GLU B 169 -4.12 -10.73 10.96
C GLU B 169 -4.13 -11.73 12.11
N ALA B 170 -5.28 -12.40 12.32
CA ALA B 170 -5.45 -13.30 13.47
C ALA B 170 -4.56 -14.54 13.41
N SER B 171 -4.24 -14.99 12.20
CA SER B 171 -3.41 -16.18 12.03
C SER B 171 -1.93 -15.89 12.31
N HIS B 172 -1.59 -14.60 12.51
CA HIS B 172 -0.22 -14.17 12.89
C HIS B 172 -0.02 -13.55 14.29
O7 RES C . -15.62 -7.49 -7.06
P RES C . -15.18 -6.50 -8.11
O5 RES C . -16.19 -5.44 -8.37
O6 RES C . -14.49 -7.12 -9.32
O4 RES C . -13.97 -5.70 -7.36
C4 RES C . -12.62 -6.18 -7.34
C3 RES C . -11.84 -5.28 -6.39
O3 RES C . -12.47 -5.31 -5.10
C2 RES C . -10.36 -5.58 -6.21
O2 RES C . -9.78 -6.11 -7.42
C1 RES C . -9.69 -4.31 -5.72
O1 RES C . -9.73 -3.23 -6.30
N RES C . -9.08 -4.40 -4.55
ON RES C . -8.47 -3.27 -4.05
O7 RES D . 15.11 10.25 4.04
P RES D . 14.74 10.77 2.67
O5 RES D . 15.84 10.63 1.67
O6 RES D . 14.04 12.11 2.73
O4 RES D . 13.56 9.79 2.16
C4 RES D . 12.31 9.73 2.85
C3 RES D . 11.49 8.62 2.21
O3 RES D . 12.30 7.45 2.20
C2 RES D . 10.15 8.36 2.91
O2 RES D . 9.48 9.59 3.16
C1 RES D . 9.27 7.54 2.00
O1 RES D . 8.95 7.95 0.88
N RES D . 8.81 6.37 2.44
ON RES D . 7.99 5.68 1.54
#